data_1LC3
#
_entry.id   1LC3
#
_cell.length_a   51.780
_cell.length_b   76.140
_cell.length_c   75.010
_cell.angle_alpha   90.00
_cell.angle_beta   90.00
_cell.angle_gamma   90.00
#
_symmetry.space_group_name_H-M   'P 21 21 21'
#
loop_
_entity.id
_entity.type
_entity.pdbx_description
1 polymer 'Biliverdin Reductase A'
2 non-polymer 'PHOSPHATE ION'
3 non-polymer NICOTINAMIDE-ADENINE-DINUCLEOTIDE
4 water water
#
_entity_poly.entity_id   1
_entity_poly.type   'polypeptide(L)'
_entity_poly.pdbx_seq_one_letter_code
;MITNSGKFGVVVVGVGRAGSVRLRDLKDPRSAAFLNLIGFVSRRELGSLDEVRQISLEDALRSQEIDVAYICSESSSHED
YIRQFLQAGKHVLVEYPMTLSFAAAQELWELAAQKGRVLHEEHVELLMEEFEFLRREVLGKELLKGSLRFTASPLEEERF
GFPAFSGISRLTWLVSLFGELSLISATLEERKEDQYMKMTVQLETQNKGLLSWIEEKGPGLKRNRYVNFQFTSGSLEEVP
SVGVNKNIFLKDQDIFVQKLLDQVSAEDLAAEKKRIMHCLGLASDIQKLCHQKK
;
_entity_poly.pdbx_strand_id   A
#
# COMPACT_ATOMS: atom_id res chain seq x y z
N MET A 1 24.94 -30.74 13.44
CA MET A 1 23.58 -31.31 13.58
C MET A 1 22.63 -30.77 12.51
N ILE A 2 21.55 -31.50 12.28
CA ILE A 2 20.57 -31.11 11.29
C ILE A 2 19.36 -30.51 12.00
N THR A 3 19.11 -29.23 11.74
CA THR A 3 17.99 -28.54 12.36
C THR A 3 17.19 -27.79 11.31
N ASN A 4 15.88 -28.04 11.29
CA ASN A 4 15.00 -27.37 10.34
C ASN A 4 14.47 -26.12 11.01
N SER A 5 14.79 -24.96 10.46
CA SER A 5 14.35 -23.69 11.01
C SER A 5 12.84 -23.56 10.92
N GLY A 6 12.25 -22.94 11.93
CA GLY A 6 10.82 -22.74 11.93
C GLY A 6 10.50 -21.37 11.38
N LYS A 7 11.56 -20.62 11.04
CA LYS A 7 11.40 -19.27 10.52
C LYS A 7 11.07 -19.26 9.04
N PHE A 8 10.40 -18.21 8.61
CA PHE A 8 10.04 -18.05 7.21
C PHE A 8 11.18 -17.38 6.46
N GLY A 9 11.64 -18.02 5.39
CA GLY A 9 12.71 -17.47 4.58
C GLY A 9 12.13 -16.37 3.70
N VAL A 10 12.74 -15.20 3.71
CA VAL A 10 12.25 -14.06 2.95
C VAL A 10 13.19 -13.58 1.86
N VAL A 11 12.62 -13.21 0.73
CA VAL A 11 13.40 -12.63 -0.36
C VAL A 11 12.76 -11.28 -0.65
N VAL A 12 13.58 -10.23 -0.73
CA VAL A 12 13.10 -8.89 -1.02
C VAL A 12 13.27 -8.65 -2.52
N VAL A 13 12.18 -8.29 -3.20
CA VAL A 13 12.21 -8.06 -4.64
C VAL A 13 12.15 -6.57 -4.96
N GLY A 14 13.24 -6.06 -5.52
CA GLY A 14 13.32 -4.64 -5.86
C GLY A 14 14.00 -3.91 -4.74
N VAL A 15 15.13 -3.27 -5.02
CA VAL A 15 15.84 -2.56 -3.98
C VAL A 15 15.91 -1.05 -4.19
N GLY A 16 14.75 -0.43 -4.12
CA GLY A 16 14.66 1.01 -4.23
C GLY A 16 14.53 1.49 -2.79
N ARG A 17 13.79 2.56 -2.56
CA ARG A 17 13.64 3.08 -1.20
C ARG A 17 12.95 2.06 -0.28
N ALA A 18 11.79 1.57 -0.72
CA ALA A 18 11.04 0.61 0.07
C ALA A 18 11.84 -0.67 0.31
N GLY A 19 12.46 -1.19 -0.73
CA GLY A 19 13.24 -2.41 -0.60
C GLY A 19 14.40 -2.25 0.38
N SER A 20 15.05 -1.10 0.34
CA SER A 20 16.16 -0.83 1.24
C SER A 20 15.67 -0.80 2.67
N VAL A 21 14.51 -0.19 2.87
CA VAL A 21 13.92 -0.12 4.20
C VAL A 21 13.56 -1.52 4.68
N ARG A 22 13.00 -2.35 3.80
CA ARG A 22 12.65 -3.71 4.22
C ARG A 22 13.89 -4.52 4.57
N LEU A 23 14.96 -4.38 3.79
CA LEU A 23 16.20 -5.10 4.08
C LEU A 23 16.73 -4.68 5.44
N ARG A 24 16.70 -3.38 5.71
CA ARG A 24 17.17 -2.84 6.99
C ARG A 24 16.35 -3.44 8.13
N ASP A 25 15.03 -3.40 7.99
CA ASP A 25 14.15 -3.92 9.03
C ASP A 25 14.25 -5.42 9.26
N LEU A 26 14.56 -6.20 8.22
CA LEU A 26 14.67 -7.64 8.39
C LEU A 26 15.87 -8.01 9.29
N LYS A 27 16.77 -7.06 9.49
CA LYS A 27 17.94 -7.31 10.33
C LYS A 27 17.67 -6.94 11.79
N ASP A 28 16.58 -6.20 12.01
CA ASP A 28 16.17 -5.75 13.34
C ASP A 28 15.78 -6.91 14.24
N PRO A 29 16.04 -6.78 15.55
CA PRO A 29 15.68 -7.87 16.47
C PRO A 29 14.20 -8.25 16.40
N ARG A 30 13.35 -7.29 16.04
CA ARG A 30 11.92 -7.55 15.94
C ARG A 30 11.57 -8.48 14.80
N SER A 31 12.54 -8.75 13.94
CA SER A 31 12.34 -9.65 12.80
C SER A 31 12.98 -11.01 13.03
N ALA A 32 13.86 -11.10 14.03
CA ALA A 32 14.63 -12.30 14.32
C ALA A 32 13.93 -13.60 14.63
N ALA A 33 12.87 -13.54 15.43
CA ALA A 33 12.19 -14.77 15.83
C ALA A 33 11.41 -15.50 14.74
N PHE A 34 10.88 -14.76 13.77
CA PHE A 34 10.08 -15.41 12.75
C PHE A 34 10.54 -15.33 11.31
N LEU A 35 11.48 -14.42 11.03
CA LEU A 35 11.92 -14.24 9.65
C LEU A 35 13.42 -14.41 9.43
N ASN A 36 13.77 -14.98 8.29
CA ASN A 36 15.16 -15.21 7.93
C ASN A 36 15.40 -14.63 6.54
N LEU A 37 16.20 -13.58 6.46
CA LEU A 37 16.48 -12.94 5.18
C LEU A 37 17.40 -13.84 4.35
N ILE A 38 16.86 -14.35 3.24
CA ILE A 38 17.62 -15.23 2.36
C ILE A 38 18.41 -14.46 1.31
N GLY A 39 17.81 -13.39 0.78
CA GLY A 39 18.50 -12.60 -0.22
C GLY A 39 17.54 -11.62 -0.87
N PHE A 40 17.97 -11.02 -1.97
CA PHE A 40 17.12 -10.08 -2.69
C PHE A 40 17.20 -10.33 -4.19
N VAL A 41 16.15 -9.92 -4.88
CA VAL A 41 16.07 -10.03 -6.33
C VAL A 41 16.11 -8.59 -6.84
N SER A 42 16.89 -8.36 -7.87
CA SER A 42 17.00 -7.03 -8.46
C SER A 42 17.21 -7.18 -9.95
N ARG A 43 16.73 -6.20 -10.70
CA ARG A 43 16.89 -6.23 -12.15
C ARG A 43 18.28 -5.70 -12.49
N ARG A 44 18.96 -5.15 -11.50
CA ARG A 44 20.33 -4.64 -11.69
C ARG A 44 21.32 -5.70 -11.20
N GLU A 45 22.56 -5.63 -11.69
CA GLU A 45 23.60 -6.58 -11.29
C GLU A 45 24.38 -6.09 -10.08
N LEU A 46 23.79 -6.25 -8.90
CA LEU A 46 24.43 -5.83 -7.66
C LEU A 46 25.31 -6.91 -7.04
N GLY A 47 24.89 -8.16 -7.19
CA GLY A 47 25.66 -9.27 -6.63
C GLY A 47 25.37 -9.47 -5.16
N SER A 48 25.43 -8.39 -4.39
CA SER A 48 25.19 -8.43 -2.96
C SER A 48 25.09 -7.02 -2.40
N LEU A 49 24.50 -6.92 -1.22
CA LEU A 49 24.36 -5.65 -0.50
C LEU A 49 24.75 -6.04 0.91
N ASP A 50 25.97 -5.67 1.31
CA ASP A 50 26.48 -6.04 2.62
C ASP A 50 26.56 -7.56 2.61
N GLU A 51 26.05 -8.20 3.66
CA GLU A 51 26.10 -9.65 3.75
C GLU A 51 24.93 -10.33 3.04
N VAL A 52 24.04 -9.54 2.44
CA VAL A 52 22.87 -10.10 1.77
C VAL A 52 23.16 -10.36 0.29
N ARG A 53 23.01 -11.61 -0.12
CA ARG A 53 23.28 -11.98 -1.51
C ARG A 53 22.12 -11.77 -2.48
N GLN A 54 22.46 -11.52 -3.73
CA GLN A 54 21.44 -11.36 -4.76
C GLN A 54 21.14 -12.75 -5.27
N ILE A 55 19.86 -13.01 -5.53
CA ILE A 55 19.41 -14.29 -6.06
C ILE A 55 18.63 -13.98 -7.32
N SER A 56 18.80 -14.78 -8.36
CA SER A 56 18.07 -14.55 -9.60
C SER A 56 16.59 -14.84 -9.34
N LEU A 57 15.73 -14.23 -10.15
CA LEU A 57 14.30 -14.44 -10.01
C LEU A 57 13.99 -15.92 -10.17
N GLU A 58 14.60 -16.55 -11.16
CA GLU A 58 14.41 -17.97 -11.43
C GLU A 58 14.74 -18.80 -10.21
N ASP A 59 15.90 -18.56 -9.61
CA ASP A 59 16.33 -19.30 -8.43
C ASP A 59 15.42 -19.04 -7.23
N ALA A 60 14.96 -17.80 -7.08
CA ALA A 60 14.10 -17.44 -5.97
C ALA A 60 12.77 -18.20 -6.03
N LEU A 61 12.21 -18.32 -7.22
CA LEU A 61 10.94 -19.01 -7.38
C LEU A 61 11.09 -20.51 -7.11
N ARG A 62 12.26 -21.05 -7.43
CA ARG A 62 12.55 -22.47 -7.24
C ARG A 62 12.98 -22.84 -5.82
N SER A 63 13.69 -21.94 -5.16
CA SER A 63 14.20 -22.18 -3.82
C SER A 63 13.18 -22.58 -2.76
N GLN A 64 13.44 -23.70 -2.12
CA GLN A 64 12.55 -24.20 -1.07
C GLN A 64 12.84 -23.52 0.27
N GLU A 65 13.92 -22.76 0.34
CA GLU A 65 14.26 -22.07 1.58
C GLU A 65 13.54 -20.72 1.64
N ILE A 66 12.97 -20.30 0.51
CA ILE A 66 12.24 -19.05 0.46
C ILE A 66 10.75 -19.34 0.59
N ASP A 67 10.14 -18.80 1.64
CA ASP A 67 8.72 -19.01 1.90
C ASP A 67 7.89 -17.75 1.67
N VAL A 68 8.58 -16.62 1.65
CA VAL A 68 7.94 -15.31 1.53
C VAL A 68 8.66 -14.39 0.57
N ALA A 69 7.90 -13.60 -0.18
CA ALA A 69 8.49 -12.62 -1.07
C ALA A 69 7.92 -11.25 -0.68
N TYR A 70 8.80 -10.26 -0.57
CA TYR A 70 8.40 -8.88 -0.29
C TYR A 70 8.55 -8.19 -1.64
N ILE A 71 7.44 -7.77 -2.23
CA ILE A 71 7.49 -7.11 -3.53
C ILE A 71 7.55 -5.59 -3.33
N CYS A 72 8.73 -5.03 -3.56
CA CYS A 72 9.00 -3.61 -3.36
C CYS A 72 9.40 -2.85 -4.62
N SER A 73 9.16 -3.45 -5.78
CA SER A 73 9.50 -2.82 -7.07
C SER A 73 8.49 -1.72 -7.41
N GLU A 74 8.68 -1.05 -8.54
CA GLU A 74 7.74 0.00 -8.90
C GLU A 74 6.37 -0.62 -9.15
N SER A 75 5.34 0.19 -8.94
CA SER A 75 3.95 -0.26 -9.08
C SER A 75 3.63 -1.07 -10.31
N SER A 76 4.10 -0.62 -11.48
CA SER A 76 3.79 -1.31 -12.72
C SER A 76 4.25 -2.76 -12.81
N SER A 77 5.19 -3.16 -11.95
CA SER A 77 5.68 -4.53 -11.99
C SER A 77 5.12 -5.43 -10.89
N HIS A 78 4.29 -4.86 -10.02
CA HIS A 78 3.73 -5.64 -8.92
C HIS A 78 2.92 -6.85 -9.33
N GLU A 79 1.97 -6.65 -10.24
CA GLU A 79 1.10 -7.72 -10.70
C GLU A 79 1.88 -8.95 -11.16
N ASP A 80 2.83 -8.73 -12.06
CA ASP A 80 3.63 -9.84 -12.58
C ASP A 80 4.40 -10.58 -11.48
N TYR A 81 5.05 -9.83 -10.60
CA TYR A 81 5.82 -10.45 -9.52
C TYR A 81 4.94 -11.22 -8.56
N ILE A 82 3.82 -10.62 -8.16
CA ILE A 82 2.90 -11.29 -7.24
C ILE A 82 2.42 -12.60 -7.84
N ARG A 83 2.00 -12.57 -9.10
CA ARG A 83 1.51 -13.78 -9.74
C ARG A 83 2.58 -14.86 -9.76
N GLN A 84 3.80 -14.52 -10.17
CA GLN A 84 4.87 -15.50 -10.22
C GLN A 84 5.19 -16.13 -8.87
N PHE A 85 5.24 -15.32 -7.83
CA PHE A 85 5.55 -15.87 -6.52
C PHE A 85 4.41 -16.68 -5.91
N LEU A 86 3.17 -16.26 -6.11
CA LEU A 86 2.04 -17.02 -5.60
C LEU A 86 2.00 -18.37 -6.33
N GLN A 87 2.20 -18.34 -7.64
CA GLN A 87 2.17 -19.57 -8.43
C GLN A 87 3.26 -20.53 -7.96
N ALA A 88 4.38 -19.98 -7.52
CA ALA A 88 5.50 -20.77 -7.04
C ALA A 88 5.29 -21.25 -5.60
N GLY A 89 4.18 -20.87 -4.99
CA GLY A 89 3.87 -21.28 -3.63
C GLY A 89 4.44 -20.45 -2.50
N LYS A 90 4.75 -19.18 -2.76
CA LYS A 90 5.28 -18.31 -1.71
C LYS A 90 4.24 -17.33 -1.21
N HIS A 91 4.33 -16.98 0.07
CA HIS A 91 3.45 -15.97 0.65
C HIS A 91 3.97 -14.65 0.07
N VAL A 92 3.09 -13.65 -0.01
CA VAL A 92 3.49 -12.37 -0.58
C VAL A 92 3.06 -11.12 0.18
N LEU A 93 4.04 -10.24 0.41
CA LEU A 93 3.79 -8.94 1.02
C LEU A 93 4.15 -7.99 -0.12
N VAL A 94 3.25 -7.09 -0.46
CA VAL A 94 3.53 -6.15 -1.54
C VAL A 94 3.17 -4.73 -1.10
N GLU A 95 4.00 -3.76 -1.49
CA GLU A 95 3.73 -2.38 -1.13
C GLU A 95 2.57 -1.88 -2.00
N TYR A 96 1.75 -0.98 -1.47
CA TYR A 96 0.63 -0.48 -2.27
C TYR A 96 1.17 0.35 -3.43
N PRO A 97 0.45 0.36 -4.56
CA PRO A 97 -0.80 -0.36 -4.82
C PRO A 97 -0.43 -1.78 -5.29
N MET A 98 -1.17 -2.80 -4.84
CA MET A 98 -0.83 -4.16 -5.23
C MET A 98 -0.87 -4.35 -6.75
N THR A 99 -1.78 -3.63 -7.42
CA THR A 99 -1.87 -3.69 -8.87
C THR A 99 -2.40 -2.35 -9.35
N LEU A 100 -2.45 -2.18 -10.67
CA LEU A 100 -2.97 -0.96 -11.29
C LEU A 100 -4.21 -1.38 -12.08
N SER A 101 -4.78 -2.51 -11.68
CA SER A 101 -5.98 -3.06 -12.33
C SER A 101 -6.86 -3.80 -11.31
N PHE A 102 -8.12 -3.42 -11.24
CA PHE A 102 -9.06 -4.05 -10.33
C PHE A 102 -9.21 -5.53 -10.68
N ALA A 103 -9.45 -5.83 -11.95
CA ALA A 103 -9.60 -7.21 -12.39
C ALA A 103 -8.37 -8.05 -12.04
N ALA A 104 -7.19 -7.48 -12.24
CA ALA A 104 -5.96 -8.19 -11.92
C ALA A 104 -5.90 -8.48 -10.42
N ALA A 105 -6.30 -7.51 -9.60
CA ALA A 105 -6.29 -7.71 -8.17
C ALA A 105 -7.22 -8.87 -7.78
N GLN A 106 -8.40 -8.93 -8.39
CA GLN A 106 -9.33 -10.01 -8.11
C GLN A 106 -8.68 -11.36 -8.42
N GLU A 107 -8.00 -11.44 -9.56
CA GLU A 107 -7.34 -12.66 -9.96
C GLU A 107 -6.28 -13.10 -8.96
N LEU A 108 -5.49 -12.15 -8.48
CA LEU A 108 -4.44 -12.46 -7.52
C LEU A 108 -4.95 -12.92 -6.16
N TRP A 109 -6.06 -12.34 -5.69
CA TRP A 109 -6.62 -12.77 -4.42
C TRP A 109 -7.11 -14.20 -4.56
N GLU A 110 -7.72 -14.50 -5.71
CA GLU A 110 -8.23 -15.84 -5.97
C GLU A 110 -7.06 -16.84 -6.01
N LEU A 111 -5.99 -16.46 -6.69
CA LEU A 111 -4.81 -17.31 -6.80
C LEU A 111 -4.21 -17.57 -5.43
N ALA A 112 -4.14 -16.53 -4.60
CA ALA A 112 -3.59 -16.68 -3.26
C ALA A 112 -4.40 -17.70 -2.45
N ALA A 113 -5.73 -17.62 -2.56
CA ALA A 113 -6.59 -18.54 -1.85
C ALA A 113 -6.37 -19.97 -2.35
N GLN A 114 -6.27 -20.10 -3.68
CA GLN A 114 -6.05 -21.39 -4.33
C GLN A 114 -4.80 -22.07 -3.79
N LYS A 115 -3.72 -21.31 -3.69
CA LYS A 115 -2.43 -21.82 -3.23
C LYS A 115 -2.30 -21.82 -1.71
N GLY A 116 -3.33 -21.35 -1.02
CA GLY A 116 -3.30 -21.31 0.43
C GLY A 116 -2.22 -20.42 0.98
N ARG A 117 -1.93 -19.33 0.26
CA ARG A 117 -0.90 -18.39 0.67
C ARG A 117 -1.47 -17.08 1.17
N VAL A 118 -0.69 -16.40 2.01
CA VAL A 118 -1.07 -15.10 2.52
C VAL A 118 -0.65 -14.05 1.49
N LEU A 119 -1.58 -13.16 1.15
CA LEU A 119 -1.32 -12.05 0.23
C LEU A 119 -1.66 -10.82 1.07
N HIS A 120 -0.66 -9.97 1.28
CA HIS A 120 -0.80 -8.79 2.12
C HIS A 120 -0.35 -7.54 1.39
N GLU A 121 -1.23 -6.53 1.33
CA GLU A 121 -0.91 -5.25 0.70
C GLU A 121 -0.61 -4.29 1.84
N GLU A 122 0.62 -3.79 1.88
CA GLU A 122 1.04 -2.85 2.92
C GLU A 122 0.34 -1.50 2.79
N HIS A 123 -0.13 -0.99 3.92
CA HIS A 123 -0.80 0.31 3.99
C HIS A 123 -0.35 1.03 5.24
N VAL A 124 0.90 1.46 5.23
CA VAL A 124 1.45 2.15 6.39
C VAL A 124 0.69 3.42 6.72
N GLU A 125 -0.05 3.97 5.76
CA GLU A 125 -0.77 5.20 6.05
C GLU A 125 -1.78 5.00 7.18
N LEU A 126 -2.26 3.77 7.37
CA LEU A 126 -3.23 3.50 8.43
C LEU A 126 -2.55 3.29 9.78
N LEU A 127 -1.23 3.31 9.77
CA LEU A 127 -0.44 3.11 11.00
C LEU A 127 0.24 4.41 11.44
N MET A 128 0.01 5.47 10.68
CA MET A 128 0.59 6.78 10.98
C MET A 128 0.02 7.41 12.24
N GLU A 129 0.85 8.18 12.93
CA GLU A 129 0.46 8.88 14.14
C GLU A 129 -0.69 9.83 13.76
N GLU A 130 -0.60 10.41 12.56
CA GLU A 130 -1.63 11.32 12.08
C GLU A 130 -2.98 10.62 11.89
N PHE A 131 -2.94 9.36 11.48
CA PHE A 131 -4.19 8.64 11.30
C PHE A 131 -4.81 8.28 12.65
N GLU A 132 -3.97 7.96 13.64
CA GLU A 132 -4.48 7.63 14.97
C GLU A 132 -5.26 8.84 15.48
N PHE A 133 -4.74 10.03 15.20
CA PHE A 133 -5.40 11.27 15.60
C PHE A 133 -6.78 11.31 14.93
N LEU A 134 -6.81 11.10 13.62
CA LEU A 134 -8.08 11.14 12.89
C LEU A 134 -9.08 10.09 13.34
N ARG A 135 -8.60 8.90 13.66
CA ARG A 135 -9.47 7.83 14.11
C ARG A 135 -10.22 8.27 15.37
N ARG A 136 -9.49 8.91 16.29
CA ARG A 136 -10.08 9.37 17.54
C ARG A 136 -11.03 10.55 17.30
N GLU A 137 -10.67 11.40 16.34
CA GLU A 137 -11.45 12.57 16.01
C GLU A 137 -12.84 12.27 15.43
N VAL A 138 -12.89 11.36 14.46
CA VAL A 138 -14.16 11.04 13.82
C VAL A 138 -15.08 10.13 14.64
N LEU A 139 -14.56 9.55 15.71
CA LEU A 139 -15.35 8.66 16.54
C LEU A 139 -16.59 9.33 17.10
N GLY A 140 -17.75 8.77 16.77
CA GLY A 140 -19.02 9.31 17.25
C GLY A 140 -19.46 10.62 16.62
N LYS A 141 -18.92 10.94 15.45
CA LYS A 141 -19.30 12.17 14.76
C LYS A 141 -19.90 11.89 13.40
N GLU A 142 -20.72 12.82 12.92
CA GLU A 142 -21.36 12.68 11.62
C GLU A 142 -20.73 13.64 10.62
N LEU A 143 -20.13 13.09 9.57
CA LEU A 143 -19.50 13.92 8.54
C LEU A 143 -20.50 14.57 7.62
N LEU A 144 -20.44 15.90 7.54
CA LEU A 144 -21.32 16.63 6.65
C LEU A 144 -20.62 16.73 5.32
N LYS A 145 -19.40 17.27 5.35
CA LYS A 145 -18.59 17.43 4.16
C LYS A 145 -17.13 17.52 4.57
N GLY A 146 -16.23 17.18 3.65
CA GLY A 146 -14.82 17.24 3.96
C GLY A 146 -13.96 17.25 2.72
N SER A 147 -12.70 17.61 2.89
CA SER A 147 -11.77 17.66 1.79
C SER A 147 -10.40 17.17 2.23
N LEU A 148 -9.75 16.42 1.35
CA LEU A 148 -8.41 15.91 1.61
C LEU A 148 -7.62 16.18 0.35
N ARG A 149 -6.58 17.00 0.48
CA ARG A 149 -5.75 17.35 -0.66
C ARG A 149 -4.29 17.03 -0.36
N PHE A 150 -3.61 16.43 -1.32
CA PHE A 150 -2.20 16.09 -1.15
C PHE A 150 -1.42 16.63 -2.34
N THR A 151 -0.41 17.44 -2.04
CA THR A 151 0.44 18.02 -3.08
C THR A 151 1.83 17.40 -2.96
N ALA A 152 2.52 17.24 -4.08
CA ALA A 152 3.85 16.66 -4.09
C ALA A 152 4.56 16.94 -5.41
N SER A 153 5.74 16.34 -5.59
CA SER A 153 6.52 16.52 -6.81
C SER A 153 6.02 15.60 -7.91
N PRO A 154 6.47 15.81 -9.16
CA PRO A 154 6.03 14.96 -10.27
C PRO A 154 6.40 13.50 -10.04
N LEU A 155 5.56 12.59 -10.55
CA LEU A 155 5.80 11.16 -10.40
C LEU A 155 5.50 10.48 -11.73
N GLU A 156 6.42 9.65 -12.20
CA GLU A 156 6.24 8.95 -13.47
C GLU A 156 5.07 7.97 -13.42
N GLU A 157 3.98 8.31 -14.11
CA GLU A 157 2.79 7.48 -14.14
C GLU A 157 3.06 6.09 -14.70
N GLU A 158 3.94 6.01 -15.69
CA GLU A 158 4.29 4.74 -16.32
C GLU A 158 4.86 3.74 -15.31
N ARG A 159 5.55 4.24 -14.30
CA ARG A 159 6.15 3.36 -13.29
C ARG A 159 5.33 3.22 -12.02
N PHE A 160 4.81 4.33 -11.51
CA PHE A 160 4.06 4.29 -10.27
C PHE A 160 2.55 4.27 -10.42
N GLY A 161 2.08 4.43 -11.65
CA GLY A 161 0.66 4.39 -11.90
C GLY A 161 -0.08 5.72 -11.90
N PHE A 162 -1.33 5.65 -12.38
CA PHE A 162 -2.23 6.79 -12.45
C PHE A 162 -2.36 7.35 -11.03
N PRO A 163 -2.51 8.67 -10.87
CA PRO A 163 -2.62 9.31 -9.56
C PRO A 163 -3.58 8.69 -8.53
N ALA A 164 -4.70 8.14 -8.99
CA ALA A 164 -5.65 7.52 -8.07
C ALA A 164 -5.04 6.26 -7.45
N PHE A 165 -4.15 5.61 -8.19
CA PHE A 165 -3.48 4.41 -7.69
C PHE A 165 -2.22 4.75 -6.90
N SER A 166 -1.37 5.62 -7.45
CA SER A 166 -0.15 5.99 -6.74
C SER A 166 -0.46 6.68 -5.42
N GLY A 167 -1.58 7.41 -5.38
CA GLY A 167 -1.97 8.11 -4.16
C GLY A 167 -3.15 7.45 -3.47
N ILE A 168 -3.31 6.15 -3.68
CA ILE A 168 -4.42 5.42 -3.08
C ILE A 168 -4.40 5.46 -1.55
N SER A 169 -3.28 5.87 -0.98
CA SER A 169 -3.16 5.97 0.47
C SER A 169 -4.12 7.03 1.01
N ARG A 170 -4.31 8.11 0.25
CA ARG A 170 -5.24 9.15 0.70
C ARG A 170 -6.66 8.63 0.64
N LEU A 171 -6.98 7.89 -0.42
CA LEU A 171 -8.31 7.31 -0.55
C LEU A 171 -8.56 6.31 0.58
N THR A 172 -7.52 5.53 0.91
CA THR A 172 -7.62 4.54 1.97
C THR A 172 -7.94 5.21 3.31
N TRP A 173 -7.40 6.40 3.54
CA TRP A 173 -7.69 7.14 4.76
C TRP A 173 -9.19 7.41 4.80
N LEU A 174 -9.73 7.93 3.70
CA LEU A 174 -11.15 8.27 3.63
C LEU A 174 -12.08 7.06 3.79
N VAL A 175 -11.75 5.96 3.14
CA VAL A 175 -12.59 4.77 3.24
C VAL A 175 -12.52 4.16 4.63
N SER A 176 -11.33 4.17 5.24
CA SER A 176 -11.18 3.62 6.57
C SER A 176 -11.95 4.44 7.59
N LEU A 177 -11.91 5.76 7.45
CA LEU A 177 -12.61 6.64 8.38
C LEU A 177 -14.11 6.75 8.18
N PHE A 178 -14.54 6.82 6.92
CA PHE A 178 -15.94 7.02 6.62
C PHE A 178 -16.71 5.90 5.94
N GLY A 179 -16.05 4.78 5.70
CA GLY A 179 -16.71 3.65 5.07
C GLY A 179 -16.68 3.69 3.56
N GLU A 180 -17.37 2.74 2.93
CA GLU A 180 -17.38 2.68 1.48
C GLU A 180 -17.98 3.94 0.88
N LEU A 181 -17.38 4.37 -0.22
CA LEU A 181 -17.79 5.59 -0.88
C LEU A 181 -18.33 5.38 -2.29
N SER A 182 -19.18 6.30 -2.71
CA SER A 182 -19.77 6.27 -4.05
C SER A 182 -19.10 7.37 -4.85
N LEU A 183 -18.76 7.08 -6.09
CA LEU A 183 -18.09 8.06 -6.94
C LEU A 183 -19.09 8.99 -7.64
N ILE A 184 -18.93 10.29 -7.43
CA ILE A 184 -19.81 11.27 -8.05
C ILE A 184 -19.17 11.87 -9.30
N SER A 185 -17.91 12.23 -9.22
CA SER A 185 -17.23 12.82 -10.36
C SER A 185 -15.72 12.77 -10.20
N ALA A 186 -15.02 12.92 -11.32
CA ALA A 186 -13.56 12.93 -11.33
C ALA A 186 -13.09 13.70 -12.56
N THR A 187 -12.11 14.56 -12.33
CA THR A 187 -11.54 15.38 -13.40
C THR A 187 -10.03 15.37 -13.30
N LEU A 188 -9.37 15.45 -14.44
CA LEU A 188 -7.92 15.44 -14.49
C LEU A 188 -7.38 16.57 -15.36
N GLU A 189 -6.55 17.42 -14.75
CA GLU A 189 -5.93 18.54 -15.45
C GLU A 189 -4.46 18.18 -15.65
N GLU A 190 -4.03 18.16 -16.91
CA GLU A 190 -2.64 17.82 -17.20
C GLU A 190 -1.92 18.82 -18.08
N ARG A 191 -0.86 19.41 -17.53
CA ARG A 191 -0.05 20.36 -18.27
C ARG A 191 1.35 19.77 -18.32
N LYS A 192 1.53 18.83 -19.24
CA LYS A 192 2.82 18.14 -19.40
C LYS A 192 3.96 19.12 -19.64
N GLU A 193 3.64 20.26 -20.26
CA GLU A 193 4.64 21.28 -20.54
C GLU A 193 5.27 21.78 -19.24
N ASP A 194 4.45 21.86 -18.19
CA ASP A 194 4.91 22.32 -16.89
C ASP A 194 5.00 21.18 -15.88
N GLN A 195 4.96 19.95 -16.37
CA GLN A 195 5.03 18.76 -15.52
C GLN A 195 4.04 18.90 -14.38
N TYR A 196 2.85 19.41 -14.71
CA TYR A 196 1.81 19.64 -13.72
C TYR A 196 0.60 18.73 -13.90
N MET A 197 -0.05 18.39 -12.80
CA MET A 197 -1.23 17.56 -12.84
C MET A 197 -2.08 17.77 -11.60
N LYS A 198 -3.39 17.84 -11.79
CA LYS A 198 -4.32 18.00 -10.68
C LYS A 198 -5.54 17.11 -10.92
N MET A 199 -5.78 16.19 -9.99
CA MET A 199 -6.90 15.27 -10.07
C MET A 199 -7.89 15.65 -8.98
N THR A 200 -9.13 15.89 -9.36
CA THR A 200 -10.16 16.27 -8.41
C THR A 200 -11.28 15.25 -8.42
N VAL A 201 -11.54 14.64 -7.27
CA VAL A 201 -12.57 13.62 -7.15
C VAL A 201 -13.61 13.97 -6.10
N GLN A 202 -14.88 13.77 -6.45
CA GLN A 202 -15.98 14.03 -5.52
C GLN A 202 -16.57 12.67 -5.17
N LEU A 203 -16.66 12.39 -3.87
CA LEU A 203 -17.17 11.13 -3.36
C LEU A 203 -18.30 11.38 -2.37
N GLU A 204 -19.11 10.36 -2.13
CA GLU A 204 -20.22 10.48 -1.19
C GLU A 204 -20.25 9.28 -0.24
N THR A 205 -20.41 9.55 1.05
CA THR A 205 -20.47 8.47 2.03
C THR A 205 -21.88 7.91 2.09
N GLN A 206 -22.06 6.84 2.85
CA GLN A 206 -23.37 6.22 2.97
C GLN A 206 -24.31 7.09 3.81
N ASN A 207 -23.75 8.11 4.44
CA ASN A 207 -24.53 9.02 5.28
C ASN A 207 -24.70 10.38 4.59
N LYS A 208 -24.53 10.38 3.27
CA LYS A 208 -24.67 11.59 2.45
C LYS A 208 -23.55 12.61 2.65
N GLY A 209 -22.47 12.21 3.30
CA GLY A 209 -21.36 13.13 3.49
C GLY A 209 -20.65 13.31 2.16
N LEU A 210 -20.31 14.55 1.82
CA LEU A 210 -19.63 14.80 0.55
C LEU A 210 -18.15 15.04 0.79
N LEU A 211 -17.33 14.25 0.11
CA LEU A 211 -15.89 14.35 0.25
C LEU A 211 -15.22 14.74 -1.05
N SER A 212 -14.26 15.64 -0.95
CA SER A 212 -13.48 16.10 -2.09
C SER A 212 -12.07 15.57 -1.90
N TRP A 213 -11.56 14.86 -2.90
CA TRP A 213 -10.20 14.33 -2.82
C TRP A 213 -9.40 14.89 -3.99
N ILE A 214 -8.33 15.60 -3.64
CA ILE A 214 -7.48 16.21 -4.66
C ILE A 214 -6.03 15.77 -4.54
N GLU A 215 -5.46 15.38 -5.67
CA GLU A 215 -4.06 14.98 -5.75
C GLU A 215 -3.42 15.94 -6.74
N GLU A 216 -2.39 16.65 -6.30
CA GLU A 216 -1.72 17.60 -7.16
C GLU A 216 -0.23 17.33 -7.19
N LYS A 217 0.37 17.42 -8.36
CA LYS A 217 1.80 17.18 -8.51
C LYS A 217 2.39 18.21 -9.45
N GLY A 218 3.53 18.77 -9.07
CA GLY A 218 4.17 19.76 -9.92
C GLY A 218 5.56 20.08 -9.41
N PRO A 219 6.44 20.61 -10.28
CA PRO A 219 7.81 20.96 -9.91
C PRO A 219 7.85 22.02 -8.81
N GLY A 220 8.69 21.80 -7.81
CA GLY A 220 8.82 22.76 -6.73
C GLY A 220 7.77 22.67 -5.64
N LEU A 221 6.66 22.00 -5.91
CA LEU A 221 5.60 21.87 -4.91
C LEU A 221 6.06 21.00 -3.75
N LYS A 222 5.97 21.54 -2.55
CA LYS A 222 6.37 20.82 -1.35
C LYS A 222 5.32 19.78 -1.00
N ARG A 223 5.75 18.72 -0.32
CA ARG A 223 4.83 17.66 0.08
C ARG A 223 3.95 18.19 1.21
N ASN A 224 2.70 18.50 0.87
CA ASN A 224 1.75 19.01 1.85
C ASN A 224 0.43 18.25 1.81
N ARG A 225 -0.17 18.10 2.99
CA ARG A 225 -1.45 17.43 3.14
C ARG A 225 -2.40 18.41 3.80
N TYR A 226 -3.53 18.69 3.15
CA TYR A 226 -4.52 19.61 3.69
C TYR A 226 -5.78 18.84 4.05
N VAL A 227 -6.20 18.94 5.30
CA VAL A 227 -7.38 18.24 5.78
C VAL A 227 -8.41 19.22 6.32
N ASN A 228 -9.66 19.06 5.88
CA ASN A 228 -10.73 19.91 6.35
C ASN A 228 -12.01 19.09 6.40
N PHE A 229 -12.37 18.65 7.60
CA PHE A 229 -13.56 17.85 7.80
C PHE A 229 -14.57 18.63 8.64
N GLN A 230 -15.78 18.79 8.12
CA GLN A 230 -16.81 19.51 8.84
C GLN A 230 -17.85 18.51 9.32
N PHE A 231 -18.01 18.43 10.64
CA PHE A 231 -18.97 17.51 11.25
C PHE A 231 -20.19 18.28 11.75
N THR A 232 -21.23 17.55 12.13
CA THR A 232 -22.47 18.14 12.63
C THR A 232 -22.25 18.66 14.04
N SER A 233 -21.20 18.16 14.69
CA SER A 233 -20.85 18.55 16.05
C SER A 233 -19.36 18.78 16.12
N GLY A 234 -18.91 19.95 15.70
CA GLY A 234 -17.49 20.26 15.72
C GLY A 234 -16.89 20.20 14.33
N SER A 235 -15.64 20.65 14.21
CA SER A 235 -14.94 20.66 12.94
C SER A 235 -13.47 20.32 13.13
N LEU A 236 -12.76 20.11 12.02
CA LEU A 236 -11.34 19.78 12.05
C LEU A 236 -10.66 20.31 10.79
N GLU A 237 -9.59 21.08 10.97
CA GLU A 237 -8.87 21.64 9.82
C GLU A 237 -7.36 21.47 9.91
N GLU A 238 -6.90 20.78 10.95
CA GLU A 238 -5.47 20.58 11.14
C GLU A 238 -5.18 19.28 11.87
N VAL A 239 -4.15 18.57 11.41
CA VAL A 239 -3.73 17.32 12.03
C VAL A 239 -2.28 17.48 12.46
N PRO A 240 -2.03 17.48 13.77
CA PRO A 240 -0.66 17.64 14.26
C PRO A 240 0.28 16.49 13.92
N SER A 241 1.56 16.82 13.82
CA SER A 241 2.61 15.85 13.53
C SER A 241 3.74 16.19 14.50
N VAL A 242 3.81 15.45 15.61
CA VAL A 242 4.84 15.71 16.60
C VAL A 242 5.90 14.62 16.63
N GLY A 243 5.67 13.56 15.85
CA GLY A 243 6.62 12.47 15.77
C GLY A 243 7.14 12.32 14.35
N VAL A 244 7.88 11.24 14.08
CA VAL A 244 8.42 10.99 12.75
C VAL A 244 8.01 9.61 12.24
N ASN A 245 6.96 9.06 12.84
CA ASN A 245 6.48 7.74 12.46
C ASN A 245 7.59 6.71 12.43
N LYS A 246 8.39 6.71 13.49
CA LYS A 246 9.50 5.76 13.60
C LYS A 246 9.00 4.32 13.62
N ASN A 247 9.73 3.45 12.92
CA ASN A 247 9.42 2.02 12.86
C ASN A 247 8.05 1.69 12.27
N ILE A 248 7.48 2.58 11.46
CA ILE A 248 6.17 2.32 10.90
C ILE A 248 6.17 1.11 9.97
N PHE A 249 7.24 0.89 9.22
CA PHE A 249 7.26 -0.28 8.36
C PHE A 249 7.39 -1.57 9.19
N LEU A 250 8.05 -1.50 10.34
CA LEU A 250 8.14 -2.69 11.19
C LEU A 250 6.73 -2.99 11.72
N LYS A 251 5.93 -1.96 11.98
CA LYS A 251 4.58 -2.17 12.44
C LYS A 251 3.79 -2.92 11.37
N ASP A 252 4.00 -2.55 10.11
CA ASP A 252 3.31 -3.25 9.03
C ASP A 252 3.79 -4.69 8.93
N GLN A 253 5.10 -4.90 9.06
CA GLN A 253 5.63 -6.25 9.00
C GLN A 253 5.03 -7.08 10.12
N ASP A 254 4.82 -6.47 11.29
CA ASP A 254 4.23 -7.20 12.42
C ASP A 254 2.86 -7.76 12.05
N ILE A 255 2.05 -6.98 11.33
CA ILE A 255 0.74 -7.44 10.91
C ILE A 255 0.89 -8.64 9.98
N PHE A 256 1.82 -8.54 9.02
CA PHE A 256 2.07 -9.62 8.08
C PHE A 256 2.48 -10.89 8.82
N VAL A 257 3.35 -10.74 9.83
CA VAL A 257 3.79 -11.88 10.61
C VAL A 257 2.60 -12.52 11.32
N GLN A 258 1.67 -11.71 11.82
CA GLN A 258 0.49 -12.27 12.49
C GLN A 258 -0.28 -13.14 11.50
N LYS A 259 -0.32 -12.73 10.24
CA LYS A 259 -1.02 -13.53 9.23
C LYS A 259 -0.27 -14.83 8.95
N LEU A 260 1.06 -14.77 8.91
CA LEU A 260 1.86 -15.97 8.67
C LEU A 260 1.68 -16.98 9.80
N LEU A 261 1.45 -16.48 11.00
CA LEU A 261 1.25 -17.33 12.18
C LEU A 261 -0.20 -17.76 12.29
N ASP A 262 -1.02 -17.33 11.34
CA ASP A 262 -2.44 -17.66 11.30
C ASP A 262 -3.13 -17.21 12.59
N GLN A 263 -2.75 -16.04 13.07
CA GLN A 263 -3.32 -15.48 14.30
C GLN A 263 -4.30 -14.34 14.02
N VAL A 264 -4.70 -14.19 12.76
CA VAL A 264 -5.67 -13.16 12.40
C VAL A 264 -7.01 -13.85 12.08
N SER A 265 -8.07 -13.38 12.72
CA SER A 265 -9.40 -13.97 12.53
C SER A 265 -9.87 -13.87 11.09
N ALA A 266 -10.74 -14.80 10.70
CA ALA A 266 -11.29 -14.82 9.35
C ALA A 266 -12.03 -13.52 9.08
N GLU A 267 -12.73 -13.01 10.10
CA GLU A 267 -13.48 -11.77 9.95
C GLU A 267 -12.56 -10.59 9.67
N ASP A 268 -11.45 -10.51 10.39
CA ASP A 268 -10.50 -9.43 10.19
C ASP A 268 -9.88 -9.52 8.80
N LEU A 269 -9.54 -10.73 8.38
CA LEU A 269 -8.96 -10.92 7.06
C LEU A 269 -9.96 -10.51 5.97
N ALA A 270 -11.23 -10.86 6.16
CA ALA A 270 -12.25 -10.53 5.18
C ALA A 270 -12.54 -9.04 5.10
N ALA A 271 -12.58 -8.39 6.26
CA ALA A 271 -12.84 -6.95 6.29
C ALA A 271 -11.73 -6.19 5.58
N GLU A 272 -10.48 -6.59 5.82
CA GLU A 272 -9.35 -5.92 5.18
C GLU A 272 -9.41 -6.08 3.67
N LYS A 273 -9.63 -7.30 3.20
CA LYS A 273 -9.70 -7.56 1.76
C LYS A 273 -10.81 -6.74 1.12
N LYS A 274 -11.96 -6.67 1.79
CA LYS A 274 -13.09 -5.91 1.27
C LYS A 274 -12.71 -4.44 1.07
N ARG A 275 -11.99 -3.88 2.05
CA ARG A 275 -11.59 -2.48 1.95
C ARG A 275 -10.59 -2.26 0.82
N ILE A 276 -9.60 -3.15 0.75
CA ILE A 276 -8.57 -3.08 -0.28
C ILE A 276 -9.19 -3.11 -1.67
N MET A 277 -10.10 -4.06 -1.89
CA MET A 277 -10.75 -4.16 -3.18
C MET A 277 -11.67 -2.99 -3.49
N HIS A 278 -12.31 -2.44 -2.47
CA HIS A 278 -13.18 -1.29 -2.68
C HIS A 278 -12.35 -0.10 -3.15
N CYS A 279 -11.20 0.13 -2.51
CA CYS A 279 -10.32 1.22 -2.88
C CYS A 279 -9.76 1.04 -4.29
N LEU A 280 -9.33 -0.18 -4.62
CA LEU A 280 -8.79 -0.45 -5.95
C LEU A 280 -9.89 -0.27 -7.00
N GLY A 281 -11.12 -0.65 -6.64
CA GLY A 281 -12.24 -0.50 -7.56
C GLY A 281 -12.50 0.97 -7.83
N LEU A 282 -12.45 1.78 -6.77
CA LEU A 282 -12.67 3.21 -6.93
C LEU A 282 -11.55 3.83 -7.77
N ALA A 283 -10.32 3.43 -7.52
CA ALA A 283 -9.19 3.98 -8.28
C ALA A 283 -9.36 3.65 -9.75
N SER A 284 -9.78 2.42 -10.03
CA SER A 284 -10.00 1.98 -11.41
C SER A 284 -11.11 2.81 -12.08
N ASP A 285 -12.21 3.03 -11.36
CA ASP A 285 -13.32 3.81 -11.90
C ASP A 285 -12.92 5.26 -12.11
N ILE A 286 -12.16 5.82 -11.18
CA ILE A 286 -11.71 7.19 -11.28
C ILE A 286 -10.85 7.36 -12.53
N GLN A 287 -9.97 6.41 -12.79
CA GLN A 287 -9.10 6.48 -13.96
C GLN A 287 -9.93 6.51 -15.24
N LYS A 288 -10.96 5.68 -15.30
CA LYS A 288 -11.81 5.65 -16.49
C LYS A 288 -12.56 6.96 -16.68
N LEU A 289 -13.02 7.57 -15.60
CA LEU A 289 -13.73 8.84 -15.72
C LEU A 289 -12.80 9.95 -16.24
N CYS A 290 -11.53 9.88 -15.86
CA CYS A 290 -10.55 10.87 -16.28
C CYS A 290 -9.99 10.66 -17.69
N HIS A 291 -9.80 9.40 -18.08
CA HIS A 291 -9.26 9.07 -19.39
C HIS A 291 -10.28 8.94 -20.53
N GLN A 292 -11.41 8.32 -20.23
CA GLN A 292 -12.44 8.11 -21.26
C GLN A 292 -13.18 9.40 -21.62
#